data_4XZF
#
_entry.id   4XZF
#
_cell.length_a   147.399
_cell.length_b   33.418
_cell.length_c   36.797
_cell.angle_alpha   90.00
_cell.angle_beta   90.00
_cell.angle_gamma   90.00
#
_symmetry.space_group_name_H-M   'P 21 21 2'
#
loop_
_entity.id
_entity.type
_entity.pdbx_description
1 polymer (DA)(DC)(DC)(DG)(DC)(DC)(DG)(DG)(DG)(DT)(DG)(DC)(DC)
2 polymer 'Helicase-like transcription factor'
3 water water
#
loop_
_entity_poly.entity_id
_entity_poly.type
_entity_poly.pdbx_seq_one_letter_code
_entity_poly.pdbx_strand_id
1 'polydeoxyribonucleotide' (DA)(DC)(DC)(DG)(DC)(DC)(DG)(DG)(DG)(DT)(DG)(DC)(DC) B
2 'polypeptide(L)'
;GPLGSVLFGSLRGHVVGLRYYTGVVNNNEMVALQRDPNNPYDKNAIKVNNVNGNQVGHLKKELAGALAYIMDNKLAQIEG
VVPFGANNAFTMPLHMTFWGKEENRKAVSDQLKKHGFKLGPA
;
A
#
loop_
_chem_comp.id
_chem_comp.type
_chem_comp.name
_chem_comp.formula
DA DNA linking 2'-DEOXYADENOSINE-5'-MONOPHOSPHATE 'C10 H14 N5 O6 P'
DC DNA linking 2'-DEOXYCYTIDINE-5'-MONOPHOSPHATE 'C9 H14 N3 O7 P'
DG DNA linking 2'-DEOXYGUANOSINE-5'-MONOPHOSPHATE 'C10 H14 N5 O7 P'
DT DNA linking THYMIDINE-5'-MONOPHOSPHATE 'C10 H15 N2 O8 P'
#
# COMPACT_ATOMS: atom_id res chain seq x y z
N GLY B 1 7.10 11.97 -7.45
CA GLY B 1 6.23 10.88 -7.87
C GLY B 1 6.60 10.54 -9.34
N PRO B 2 5.92 9.55 -9.91
CA PRO B 2 6.26 9.07 -11.27
C PRO B 2 6.12 10.17 -12.34
N LEU B 3 6.97 10.14 -13.35
CA LEU B 3 6.98 11.12 -14.41
C LEU B 3 5.61 11.15 -15.10
N GLY B 4 5.07 12.33 -15.17
CA GLY B 4 3.74 12.51 -15.82
C GLY B 4 2.49 12.23 -14.99
N SER B 5 2.64 11.88 -13.74
CA SER B 5 1.51 11.53 -12.92
C SER B 5 1.16 12.63 -11.96
N VAL B 6 -0.13 12.75 -11.67
CA VAL B 6 -0.73 13.66 -10.71
C VAL B 6 -0.73 13.00 -9.31
N LEU B 7 -0.49 13.79 -8.26
CA LEU B 7 -0.68 13.30 -6.91
C LEU B 7 -2.16 13.23 -6.61
N PHE B 8 -2.68 12.05 -6.33
CA PHE B 8 -4.09 11.92 -5.94
C PHE B 8 -4.28 12.23 -4.48
N GLY B 9 -3.37 11.82 -3.64
CA GLY B 9 -3.38 12.09 -2.19
C GLY B 9 -2.73 10.98 -1.41
N SER B 10 -2.83 11.06 -0.09
CA SER B 10 -2.19 10.10 0.79
C SER B 10 -3.12 9.45 1.73
N LEU B 11 -2.69 8.32 2.30
CA LEU B 11 -3.46 7.54 3.24
C LEU B 11 -2.47 6.93 4.23
N ARG B 12 -2.82 6.89 5.50
CA ARG B 12 -2.03 6.19 6.48
C ARG B 12 -2.68 4.83 6.70
N GLY B 13 -1.89 3.78 6.64
CA GLY B 13 -2.36 2.45 6.97
C GLY B 13 -1.29 1.68 7.69
N HIS B 14 -1.36 0.38 7.60
CA HIS B 14 -0.51 -0.50 8.40
C HIS B 14 -0.02 -1.69 7.61
N VAL B 15 1.21 -2.10 7.89
CA VAL B 15 1.74 -3.40 7.47
C VAL B 15 1.52 -4.38 8.59
N VAL B 16 1.04 -5.57 8.27
CA VAL B 16 0.76 -6.60 9.22
C VAL B 16 1.46 -7.92 8.81
N GLY B 17 1.33 -8.93 9.64
CA GLY B 17 1.92 -10.22 9.39
C GLY B 17 3.41 -10.29 9.63
N LEU B 18 3.93 -9.28 10.34
CA LEU B 18 5.40 -9.09 10.48
C LEU B 18 6.13 -10.33 11.08
N ARG B 19 5.45 -11.07 11.91
CA ARG B 19 6.06 -12.21 12.58
C ARG B 19 6.42 -13.35 11.61
N TYR B 20 5.85 -13.34 10.40
CA TYR B 20 6.00 -14.42 9.42
C TYR B 20 7.00 -14.22 8.35
N TYR B 21 7.69 -13.09 8.35
CA TYR B 21 8.61 -12.73 7.27
C TYR B 21 9.92 -12.24 7.83
N THR B 22 11.01 -12.36 7.06
CA THR B 22 12.34 -11.93 7.55
C THR B 22 12.80 -10.57 7.04
N GLY B 23 12.08 -9.96 6.10
CA GLY B 23 12.45 -8.68 5.59
C GLY B 23 12.51 -7.63 6.69
N VAL B 24 13.55 -6.81 6.69
CA VAL B 24 13.70 -5.72 7.63
C VAL B 24 13.50 -4.38 6.92
N VAL B 25 13.02 -3.40 7.66
CA VAL B 25 12.85 -2.01 7.23
C VAL B 25 13.54 -1.06 8.21
N ASN B 26 14.05 0.03 7.70
CA ASN B 26 14.50 1.13 8.55
C ASN B 26 13.41 2.15 8.63
N ASN B 27 13.34 2.85 9.74
CA ASN B 27 12.47 4.03 9.78
C ASN B 27 12.70 5.04 8.70
N ASN B 28 11.66 5.65 8.19
CA ASN B 28 11.70 6.60 7.12
C ASN B 28 12.14 6.02 5.81
N GLU B 29 12.00 4.71 5.61
CA GLU B 29 12.42 4.04 4.40
C GLU B 29 11.23 3.72 3.53
N MET B 30 11.44 3.84 2.23
CA MET B 30 10.48 3.35 1.24
C MET B 30 10.29 1.85 1.32
N VAL B 31 9.09 1.41 1.00
CA VAL B 31 8.79 -0.01 0.79
C VAL B 31 8.09 -0.14 -0.50
N ALA B 32 8.04 -1.34 -1.03
CA ALA B 32 7.30 -1.63 -2.27
C ALA B 32 6.04 -2.37 -1.97
N LEU B 33 4.96 -1.96 -2.60
CA LEU B 33 3.70 -2.71 -2.56
C LEU B 33 3.71 -3.63 -3.78
N GLN B 34 3.24 -4.87 -3.64
CA GLN B 34 3.13 -5.80 -4.78
C GLN B 34 1.88 -6.61 -4.63
N ARG B 35 1.11 -6.69 -5.70
CA ARG B 35 -0.06 -7.55 -5.64
C ARG B 35 0.31 -8.95 -5.37
N ASP B 36 -0.52 -9.66 -4.62
CA ASP B 36 -0.27 -11.01 -4.14
C ASP B 36 -1.53 -11.85 -4.51
N PRO B 37 -1.85 -12.00 -5.81
CA PRO B 37 -3.19 -12.43 -6.26
C PRO B 37 -3.44 -13.89 -6.05
N ASN B 38 -2.39 -14.69 -5.86
CA ASN B 38 -2.56 -16.13 -5.64
C ASN B 38 -2.37 -16.53 -4.17
N ASN B 39 -2.41 -15.56 -3.29
CA ASN B 39 -2.38 -15.86 -1.84
C ASN B 39 -3.57 -16.75 -1.55
N PRO B 40 -3.35 -17.92 -0.92
CA PRO B 40 -4.47 -18.89 -0.78
C PRO B 40 -5.43 -18.43 0.31
N TYR B 41 -5.12 -17.43 1.14
CA TYR B 41 -6.03 -16.92 2.16
C TYR B 41 -6.84 -15.76 1.67
N ASP B 42 -6.37 -14.98 0.71
CA ASP B 42 -7.10 -13.76 0.32
C ASP B 42 -6.66 -13.37 -1.10
N LYS B 43 -7.52 -13.52 -2.11
CA LYS B 43 -7.20 -13.16 -3.49
C LYS B 43 -6.93 -11.67 -3.70
N ASN B 44 -7.36 -10.85 -2.73
CA ASN B 44 -7.09 -9.41 -2.83
C ASN B 44 -5.80 -8.98 -2.16
N ALA B 45 -4.98 -9.94 -1.72
CA ALA B 45 -3.82 -9.62 -0.92
C ALA B 45 -2.81 -8.69 -1.66
N ILE B 46 -2.12 -7.90 -0.88
CA ILE B 46 -1.06 -7.05 -1.38
C ILE B 46 0.07 -7.18 -0.42
N LYS B 47 1.22 -7.66 -0.87
CA LYS B 47 2.38 -7.77 0.01
C LYS B 47 3.18 -6.48 0.05
N VAL B 48 3.96 -6.37 1.14
CA VAL B 48 4.88 -5.24 1.26
C VAL B 48 6.29 -5.86 1.34
N ASN B 49 7.14 -5.38 0.43
CA ASN B 49 8.53 -5.81 0.34
C ASN B 49 9.45 -4.65 0.63
N ASN B 50 10.65 -4.98 1.17
CA ASN B 50 11.64 -3.92 1.37
C ASN B 50 12.38 -3.64 0.08
N VAL B 51 13.22 -2.56 0.12
CA VAL B 51 13.87 -2.11 -1.17
C VAL B 51 14.84 -3.17 -1.79
N ASN B 52 15.40 -3.95 -0.89
CA ASN B 52 16.37 -5.07 -1.36
C ASN B 52 15.61 -6.25 -2.01
N GLY B 53 14.28 -6.37 -1.79
CA GLY B 53 13.53 -7.48 -2.40
C GLY B 53 13.20 -8.63 -1.43
N ASN B 54 12.95 -8.32 -0.15
CA ASN B 54 12.59 -9.32 0.85
C ASN B 54 11.21 -8.90 1.39
N GLN B 55 10.29 -9.85 1.52
CA GLN B 55 8.98 -9.57 2.03
C GLN B 55 9.04 -9.17 3.49
N VAL B 56 8.24 -8.14 3.81
CA VAL B 56 8.13 -7.58 5.17
C VAL B 56 6.80 -8.05 5.80
N GLY B 57 5.72 -8.08 4.99
CA GLY B 57 4.40 -8.40 5.51
C GLY B 57 3.35 -8.24 4.43
N HIS B 58 2.15 -7.89 4.89
CA HIS B 58 1.02 -7.63 3.99
C HIS B 58 0.33 -6.35 4.41
N LEU B 59 -0.38 -5.70 3.47
CA LEU B 59 -1.39 -4.74 3.87
C LEU B 59 -2.49 -5.45 4.60
N LYS B 60 -3.08 -4.71 5.56
CA LYS B 60 -4.23 -5.16 6.29
C LYS B 60 -5.34 -5.58 5.36
N LYS B 61 -6.10 -6.63 5.69
CA LYS B 61 -7.04 -7.16 4.71
C LYS B 61 -8.08 -6.15 4.20
N GLU B 62 -8.55 -5.30 5.11
CA GLU B 62 -9.62 -4.38 4.70
C GLU B 62 -9.10 -3.34 3.65
N LEU B 63 -7.89 -2.88 3.87
CA LEU B 63 -7.25 -1.97 2.90
C LEU B 63 -6.96 -2.69 1.59
N ALA B 64 -6.44 -3.93 1.70
CA ALA B 64 -6.24 -4.68 0.47
C ALA B 64 -7.50 -4.93 -0.31
N GLY B 65 -8.63 -5.12 0.40
CA GLY B 65 -9.90 -5.32 -0.24
C GLY B 65 -10.35 -4.05 -1.06
N ALA B 66 -9.88 -2.87 -0.62
CA ALA B 66 -10.11 -1.64 -1.44
C ALA B 66 -9.10 -1.47 -2.56
N LEU B 67 -7.83 -1.76 -2.26
CA LEU B 67 -6.73 -1.45 -3.19
C LEU B 67 -6.55 -2.45 -4.32
N ALA B 68 -6.91 -3.68 -4.12
CA ALA B 68 -6.66 -4.70 -5.18
C ALA B 68 -7.23 -4.24 -6.52
N TYR B 69 -8.44 -3.70 -6.51
CA TYR B 69 -9.08 -3.23 -7.76
C TYR B 69 -8.30 -2.09 -8.40
N ILE B 70 -7.79 -1.21 -7.55
CA ILE B 70 -7.01 -0.06 -8.02
C ILE B 70 -5.71 -0.54 -8.68
N MET B 71 -5.02 -1.49 -8.06
CA MET B 71 -3.78 -2.02 -8.64
C MET B 71 -4.06 -2.83 -9.91
N ASP B 72 -5.06 -3.71 -9.86
CA ASP B 72 -5.32 -4.57 -11.02
C ASP B 72 -5.67 -3.77 -12.23
N ASN B 73 -6.49 -2.77 -12.09
CA ASN B 73 -6.95 -1.91 -13.20
C ASN B 73 -6.00 -0.74 -13.49
N LYS B 74 -4.88 -0.70 -12.80
CA LYS B 74 -3.82 0.31 -13.01
C LYS B 74 -4.40 1.71 -12.89
N LEU B 75 -5.26 1.93 -11.90
CA LEU B 75 -5.88 3.26 -11.71
C LEU B 75 -4.95 4.20 -10.94
N ALA B 76 -4.02 3.64 -10.17
CA ALA B 76 -2.99 4.44 -9.46
C ALA B 76 -1.77 3.63 -9.26
N GLN B 77 -0.68 4.34 -9.18
CA GLN B 77 0.58 3.74 -8.66
C GLN B 77 0.72 4.22 -7.19
N ILE B 78 1.15 3.30 -6.34
CA ILE B 78 1.11 3.57 -4.90
C ILE B 78 2.53 3.50 -4.36
N GLU B 79 2.97 4.51 -3.68
CA GLU B 79 4.28 4.54 -3.02
C GLU B 79 4.07 4.40 -1.54
N GLY B 80 4.96 3.75 -0.82
CA GLY B 80 4.83 3.54 0.61
C GLY B 80 6.12 3.94 1.34
N VAL B 81 6.01 4.53 2.50
CA VAL B 81 7.12 4.81 3.39
C VAL B 81 6.72 4.41 4.80
N VAL B 82 7.57 3.76 5.53
CA VAL B 82 7.34 3.45 6.94
C VAL B 82 7.89 4.58 7.79
N PRO B 83 7.05 5.37 8.44
CA PRO B 83 7.58 6.55 9.18
C PRO B 83 8.26 6.25 10.49
N PHE B 84 7.82 5.23 11.17
CA PHE B 84 8.36 4.81 12.46
C PHE B 84 7.83 3.41 12.75
N GLY B 85 8.27 2.79 13.82
CA GLY B 85 7.79 1.44 14.14
C GLY B 85 8.41 0.33 13.30
N ALA B 86 9.58 0.61 12.71
CA ALA B 86 10.17 -0.42 11.82
C ALA B 86 10.50 -1.71 12.55
N ASN B 87 10.74 -1.67 13.86
CA ASN B 87 11.04 -2.90 14.63
C ASN B 87 9.86 -3.39 15.45
N ASN B 88 8.64 -2.94 15.10
CA ASN B 88 7.46 -3.39 15.84
C ASN B 88 7.27 -4.89 15.65
N ALA B 89 6.65 -5.52 16.64
CA ALA B 89 6.39 -6.96 16.58
C ALA B 89 5.32 -7.38 15.63
N PHE B 90 4.21 -6.65 15.63
CA PHE B 90 3.00 -7.14 14.89
C PHE B 90 2.55 -6.30 13.75
N THR B 91 2.59 -4.97 13.93
CA THR B 91 2.12 -4.06 12.90
C THR B 91 3.01 -2.85 12.90
N MET B 92 3.16 -2.22 11.73
CA MET B 92 3.87 -0.96 11.60
C MET B 92 3.10 0.02 10.76
N PRO B 93 3.21 1.32 11.02
CA PRO B 93 2.48 2.27 10.19
C PRO B 93 3.12 2.41 8.81
N LEU B 94 2.29 2.79 7.87
CA LEU B 94 2.67 2.96 6.48
C LEU B 94 2.02 4.15 5.88
N HIS B 95 2.81 5.08 5.39
CA HIS B 95 2.32 6.28 4.72
C HIS B 95 2.30 6.00 3.24
N MET B 96 1.13 5.99 2.59
CA MET B 96 0.96 5.68 1.21
C MET B 96 0.59 6.90 0.42
N THR B 97 1.20 7.07 -0.76
CA THR B 97 0.88 8.17 -1.69
CA THR B 97 0.93 8.17 -1.68
C THR B 97 0.44 7.57 -2.96
N PHE B 98 -0.65 8.11 -3.52
CA PHE B 98 -1.30 7.59 -4.70
C PHE B 98 -1.08 8.56 -5.86
N TRP B 99 -0.66 8.01 -7.01
CA TRP B 99 -0.30 8.84 -8.16
C TRP B 99 -0.97 8.25 -9.38
N GLY B 100 -1.33 9.08 -10.36
CA GLY B 100 -1.90 8.51 -11.59
C GLY B 100 -2.32 9.60 -12.55
N LYS B 101 -3.16 9.17 -13.48
CA LYS B 101 -3.70 10.07 -14.50
C LYS B 101 -4.91 10.79 -13.96
N GLU B 102 -5.01 12.08 -14.25
CA GLU B 102 -6.15 12.87 -13.82
C GLU B 102 -7.49 12.20 -14.07
N GLU B 103 -7.65 11.56 -15.21
CA GLU B 103 -8.94 10.95 -15.54
C GLU B 103 -9.37 9.86 -14.58
N ASN B 104 -8.43 9.29 -13.84
CA ASN B 104 -8.71 8.24 -12.85
C ASN B 104 -8.76 8.72 -11.40
N ARG B 105 -8.59 10.02 -11.19
CA ARG B 105 -8.39 10.46 -9.79
C ARG B 105 -9.68 10.29 -8.93
N LYS B 106 -10.84 10.65 -9.48
CA LYS B 106 -12.07 10.47 -8.74
C LYS B 106 -12.42 8.99 -8.64
N ALA B 107 -12.12 8.20 -9.66
CA ALA B 107 -12.39 6.74 -9.57
C ALA B 107 -11.64 6.14 -8.41
N VAL B 108 -10.40 6.55 -8.18
CA VAL B 108 -9.64 6.00 -7.07
C VAL B 108 -10.25 6.45 -5.75
N SER B 109 -10.54 7.73 -5.62
CA SER B 109 -11.12 8.24 -4.39
C SER B 109 -12.47 7.58 -4.13
N ASP B 110 -13.28 7.34 -5.15
CA ASP B 110 -14.59 6.71 -4.99
C ASP B 110 -14.44 5.26 -4.54
N GLN B 111 -13.44 4.54 -5.05
CA GLN B 111 -13.20 3.18 -4.63
C GLN B 111 -12.81 3.11 -3.19
N LEU B 112 -11.93 4.01 -2.76
CA LEU B 112 -11.50 4.09 -1.39
C LEU B 112 -12.71 4.37 -0.47
N LYS B 113 -13.53 5.32 -0.88
CA LYS B 113 -14.70 5.75 -0.06
C LYS B 113 -15.66 4.59 0.08
N LYS B 114 -15.88 3.80 -0.96
CA LYS B 114 -16.74 2.63 -0.89
C LYS B 114 -16.33 1.67 0.25
N HIS B 115 -15.03 1.63 0.57
CA HIS B 115 -14.48 0.75 1.62
C HIS B 115 -14.18 1.47 2.91
N GLY B 116 -14.61 2.74 3.02
CA GLY B 116 -14.42 3.46 4.27
C GLY B 116 -13.13 4.18 4.42
N PHE B 117 -12.35 4.32 3.33
CA PHE B 117 -11.08 5.05 3.37
C PHE B 117 -11.22 6.37 2.63
N LYS B 118 -10.31 7.28 2.90
CA LYS B 118 -10.29 8.53 2.13
C LYS B 118 -8.87 9.05 2.02
N LEU B 119 -8.60 9.62 0.90
CA LEU B 119 -7.37 10.31 0.64
C LEU B 119 -7.34 11.63 1.31
N GLY B 120 -6.16 12.07 1.75
CA GLY B 120 -5.94 13.43 2.25
C GLY B 120 -4.71 14.00 1.63
N PRO B 121 -4.30 15.21 2.06
CA PRO B 121 -3.05 15.80 1.59
C PRO B 121 -1.82 15.04 2.12
#